data_4NTW
#
_entry.id   4NTW
#
_cell.length_a   151.930
_cell.length_b   151.930
_cell.length_c   123.790
_cell.angle_alpha   90.00
_cell.angle_beta   90.00
_cell.angle_gamma   120.00
#
_symmetry.space_group_name_H-M   'H 3'
#
loop_
_entity.id
_entity.type
_entity.pdbx_description
1 polymer 'Acid-sensing ion channel 1'
2 polymer 'Neurotoxin MitTx-alpha'
3 polymer 'Basic phospholipase A2 homolog Tx-beta'
4 non-polymer 2-acetamido-2-deoxy-beta-D-glucopyranose
5 non-polymer 'CHLORIDE ION'
6 non-polymer 'SODIUM ION'
7 non-polymer 'HEXAETHYLENE GLYCOL'
8 water water
#
loop_
_entity_poly.entity_id
_entity_poly.type
_entity_poly.pdbx_seq_one_letter_code
_entity_poly.pdbx_strand_id
1 'polypeptide(L)'
;GQPVSIQAFASSSTLHGISHIFSYERLSLKRVVWALCFMGSLALLALVCTNRIQYYFLYPHVTKLDEVAATRLTFPAVTF
CNLNEFRFSRVTKNDLYHAGELLALLNNRYEIPDTQTADEKQLEILQDKANFRNFKPKPFNMLEFYDRAGHDIREMLLSC
FFRGEQCSPEDFKVVFTRYGKCYTFNAGQDGKPRLITMKGGTGNGLEIMLDIQQDEYLPVWGETDETSFEAGIKVQIHSQ
DEPPLIDQLGFGVAPGFQTFVSCQEQRLIYLPPPWGDCKATTGDSEFYDTYSITACRIDCETRYLVENCNCRMVHMPGDA
PYCTPEQYKECADPALDFLVEKDNEYCVCEMPCNVTRYGKELSMVKIPSKASAKYLAKKYNKSEQYIGENILVLDIFFEA
LNYETIEQKKAYEVAGLLGDIGGQMGLFIGASILTVLELFDYAYEVIKHR
;
A
2 'polypeptide(L)' (PCA)IRPAFCYEDPPFFQKCGAFVDSYYFNRSRITCVHFFYGQCDVNQNHFTTMSECNRVCHG B
3 'polypeptide(L)'
;NLNQFRLMIKCTNDRVWADFVDYGCYCVARDSNTPVDDLDRCCQAQKQCYDEAVKVHGCKPLVMFYSFECRYLASDLDCS
GNNTKCRNFVCNCDRTATLCILTATYNRNNHKIDPSRCQ
;
C
#
loop_
_chem_comp.id
_chem_comp.type
_chem_comp.name
_chem_comp.formula
CL non-polymer 'CHLORIDE ION' 'Cl -1'
NA non-polymer 'SODIUM ION' 'Na 1'
NAG D-saccharide, beta linking 2-acetamido-2-deoxy-beta-D-glucopyranose 'C8 H15 N O6'
P6G non-polymer 'HEXAETHYLENE GLYCOL' 'C12 H26 O7'
#
# COMPACT_ATOMS: atom_id res chain seq x y z
N VAL A 32 45.36 31.56 45.88
CA VAL A 32 44.88 32.94 46.10
C VAL A 32 43.94 33.38 44.99
N VAL A 33 44.38 34.35 44.21
CA VAL A 33 43.65 34.80 43.03
C VAL A 33 43.83 33.78 41.91
N TRP A 34 44.93 33.02 41.99
CA TRP A 34 45.18 31.92 41.08
C TRP A 34 44.09 30.86 41.20
N ALA A 35 43.75 30.52 42.44
CA ALA A 35 42.69 29.54 42.71
C ALA A 35 41.35 30.06 42.20
N LEU A 36 41.13 31.36 42.36
CA LEU A 36 39.98 32.04 41.79
C LEU A 36 39.92 31.85 40.28
N CYS A 37 41.04 32.13 39.62
CA CYS A 37 41.12 32.00 38.16
C CYS A 37 41.09 30.55 37.69
N PHE A 38 41.62 29.64 38.51
CA PHE A 38 41.66 28.23 38.16
C PHE A 38 40.27 27.59 38.18
N MET A 39 39.47 27.94 39.18
CA MET A 39 38.14 27.34 39.32
C MET A 39 37.10 28.01 38.42
N GLY A 40 37.30 29.31 38.15
CA GLY A 40 36.45 30.01 37.20
C GLY A 40 36.72 29.51 35.80
N SER A 41 37.98 29.18 35.52
CA SER A 41 38.35 28.61 34.23
C SER A 41 37.80 27.19 34.13
N LEU A 42 37.80 26.47 35.26
CA LEU A 42 37.33 25.09 35.29
C LEU A 42 35.82 25.04 35.18
N ALA A 43 35.15 26.08 35.67
CA ALA A 43 33.71 26.19 35.55
C ALA A 43 33.33 26.35 34.09
N LEU A 44 34.12 27.14 33.37
CA LEU A 44 33.89 27.35 31.94
C LEU A 44 34.20 26.08 31.13
N LEU A 45 35.19 25.31 31.59
CA LEU A 45 35.50 24.02 30.97
C LEU A 45 34.35 23.04 31.19
N ALA A 46 33.72 23.15 32.37
CA ALA A 46 32.61 22.27 32.73
C ALA A 46 31.40 22.47 31.83
N LEU A 47 31.07 23.73 31.54
CA LEU A 47 29.91 24.03 30.70
C LEU A 47 30.15 23.62 29.26
N VAL A 48 31.41 23.61 28.84
CA VAL A 48 31.77 23.14 27.51
C VAL A 48 31.61 21.63 27.42
N CYS A 49 32.07 20.93 28.45
CA CYS A 49 31.97 19.47 28.48
C CYS A 49 30.54 18.98 28.61
N THR A 50 29.68 19.79 29.23
CA THR A 50 28.27 19.46 29.35
C THR A 50 27.57 19.57 27.99
N ASN A 51 27.86 20.67 27.29
CA ASN A 51 27.47 20.87 25.91
C ASN A 51 27.84 19.65 25.05
N ARG A 52 29.13 19.33 25.00
CA ARG A 52 29.62 18.21 24.20
C ARG A 52 29.00 16.87 24.57
N ILE A 53 28.70 16.68 25.85
CA ILE A 53 28.14 15.41 26.30
C ILE A 53 26.66 15.31 25.96
N GLN A 54 25.92 16.40 26.16
CA GLN A 54 24.51 16.44 25.79
C GLN A 54 24.35 16.23 24.29
N TYR A 55 25.26 16.80 23.52
CA TYR A 55 25.25 16.66 22.06
C TYR A 55 25.47 15.22 21.61
N TYR A 56 26.38 14.50 22.28
CA TYR A 56 26.58 13.09 22.01
C TYR A 56 25.28 12.32 22.19
N PHE A 57 24.52 12.68 23.22
CA PHE A 57 23.31 11.94 23.54
C PHE A 57 22.11 12.33 22.67
N LEU A 58 22.34 13.25 21.74
CA LEU A 58 21.36 13.53 20.68
C LEU A 58 21.52 12.47 19.60
N TYR A 59 22.64 11.76 19.64
CA TYR A 59 23.03 10.81 18.60
C TYR A 59 22.82 11.41 17.21
N PRO A 60 23.59 12.47 16.89
CA PRO A 60 23.34 13.18 15.63
C PRO A 60 23.86 12.36 14.46
N HIS A 61 23.47 12.74 13.26
CA HIS A 61 24.00 12.10 12.07
C HIS A 61 24.14 13.10 10.94
N VAL A 62 25.03 12.80 10.00
CA VAL A 62 25.19 13.62 8.80
C VAL A 62 25.05 12.71 7.59
N THR A 63 24.81 13.31 6.43
CA THR A 63 24.60 12.55 5.20
C THR A 63 25.78 12.67 4.26
N LYS A 64 26.26 11.53 3.80
CA LYS A 64 27.49 11.46 3.03
C LYS A 64 27.18 10.96 1.62
N LEU A 65 27.65 11.70 0.63
CA LEU A 65 27.41 11.37 -0.77
C LEU A 65 28.64 10.72 -1.36
N ASP A 66 28.46 9.69 -2.17
CA ASP A 66 29.59 9.03 -2.80
C ASP A 66 29.27 8.45 -4.19
N GLU A 67 30.17 8.64 -5.13
CA GLU A 67 30.10 7.94 -6.41
C GLU A 67 30.96 6.69 -6.31
N VAL A 68 30.35 5.53 -6.44
CA VAL A 68 31.08 4.28 -6.32
C VAL A 68 31.28 3.64 -7.70
N ALA A 69 32.53 3.50 -8.12
CA ALA A 69 32.83 2.78 -9.37
C ALA A 69 32.63 1.29 -9.16
N ALA A 70 32.13 0.59 -10.17
CA ALA A 70 31.79 -0.82 -10.03
C ALA A 70 32.17 -1.64 -11.26
N THR A 71 32.57 -2.89 -11.04
CA THR A 71 32.88 -3.83 -12.11
C THR A 71 31.62 -4.58 -12.55
N ARG A 72 30.59 -4.54 -11.72
CA ARG A 72 29.33 -5.20 -12.01
C ARG A 72 28.16 -4.52 -11.30
N LEU A 73 26.96 -4.79 -11.78
CA LEU A 73 25.74 -4.36 -11.12
C LEU A 73 24.79 -5.54 -11.21
N THR A 74 24.04 -5.79 -10.15
CA THR A 74 22.98 -6.77 -10.24
C THR A 74 21.83 -6.16 -11.03
N PHE A 75 21.44 -6.81 -12.13
CA PHE A 75 20.32 -6.29 -12.92
C PHE A 75 19.06 -6.36 -12.06
N PRO A 76 18.18 -5.35 -12.16
CA PRO A 76 17.00 -5.39 -11.30
C PRO A 76 15.97 -6.40 -11.79
N ALA A 77 14.87 -6.51 -11.05
CA ALA A 77 13.70 -7.23 -11.49
C ALA A 77 12.86 -6.27 -12.33
N VAL A 78 12.17 -6.83 -13.31
CA VAL A 78 11.36 -6.02 -14.20
C VAL A 78 9.98 -6.67 -14.30
N THR A 79 8.99 -5.98 -13.75
CA THR A 79 7.61 -6.46 -13.74
C THR A 79 6.81 -5.72 -14.81
N PHE A 80 5.98 -6.44 -15.56
CA PHE A 80 5.10 -5.78 -16.51
C PHE A 80 3.70 -6.41 -16.52
N CYS A 81 2.71 -5.61 -16.90
CA CYS A 81 1.32 -6.04 -16.94
C CYS A 81 0.71 -5.49 -18.23
N ASN A 82 -0.16 -6.26 -18.86
CA ASN A 82 -0.99 -5.72 -19.91
C ASN A 82 -1.97 -4.79 -19.23
N LEU A 83 -2.31 -3.67 -19.87
CA LEU A 83 -3.34 -2.78 -19.32
C LEU A 83 -4.73 -3.43 -19.40
N ASN A 84 -4.90 -4.39 -20.29
CA ASN A 84 -6.14 -5.17 -20.32
C ASN A 84 -6.03 -6.40 -19.42
N GLU A 85 -7.01 -6.54 -18.52
CA GLU A 85 -6.94 -7.56 -17.48
C GLU A 85 -7.43 -8.95 -17.93
N PHE A 86 -8.49 -8.98 -18.73
CA PHE A 86 -9.04 -10.26 -19.16
C PHE A 86 -9.16 -10.40 -20.66
N ARG A 87 -8.65 -11.49 -21.19
CA ARG A 87 -8.77 -11.81 -22.61
C ARG A 87 -10.22 -12.11 -22.99
N PHE A 88 -10.75 -11.36 -23.96
CA PHE A 88 -12.14 -11.52 -24.38
C PHE A 88 -12.50 -12.95 -24.79
N SER A 89 -11.59 -13.62 -25.49
CA SER A 89 -11.84 -14.97 -25.97
C SER A 89 -11.79 -16.03 -24.85
N ARG A 90 -11.44 -15.61 -23.65
CA ARG A 90 -11.35 -16.55 -22.54
C ARG A 90 -12.47 -16.35 -21.52
N VAL A 91 -13.32 -15.36 -21.74
CA VAL A 91 -14.45 -15.13 -20.83
C VAL A 91 -15.59 -16.08 -21.22
N THR A 92 -15.98 -16.95 -20.29
CA THR A 92 -17.04 -17.94 -20.55
C THR A 92 -18.39 -17.44 -20.09
N LYS A 93 -19.45 -18.20 -20.42
CA LYS A 93 -20.78 -17.83 -19.96
C LYS A 93 -20.77 -17.70 -18.43
N ASN A 94 -20.11 -18.64 -17.77
CA ASN A 94 -20.07 -18.62 -16.31
C ASN A 94 -19.32 -17.41 -15.75
N ASP A 95 -18.21 -17.05 -16.40
CA ASP A 95 -17.42 -15.88 -15.99
C ASP A 95 -18.30 -14.66 -16.08
N LEU A 96 -18.99 -14.52 -17.21
CA LEU A 96 -19.81 -13.35 -17.45
C LEU A 96 -20.93 -13.25 -16.44
N TYR A 97 -21.54 -14.39 -16.07
CA TYR A 97 -22.57 -14.41 -15.04
C TYR A 97 -22.08 -13.84 -13.72
N HIS A 98 -20.93 -14.30 -13.29
CA HIS A 98 -20.42 -13.87 -12.00
C HIS A 98 -19.76 -12.49 -12.06
N ALA A 99 -18.97 -12.22 -13.11
CA ALA A 99 -18.13 -11.00 -13.16
C ALA A 99 -18.56 -9.94 -14.16
N GLY A 100 -19.66 -10.21 -14.88
CA GLY A 100 -20.14 -9.31 -15.91
C GLY A 100 -20.45 -7.93 -15.39
N GLU A 101 -21.12 -7.85 -14.25
CA GLU A 101 -21.46 -6.55 -13.67
C GLU A 101 -20.20 -5.77 -13.26
N LEU A 102 -19.27 -6.45 -12.61
CA LEU A 102 -17.99 -5.84 -12.24
C LEU A 102 -17.28 -5.22 -13.45
N LEU A 103 -17.29 -5.94 -14.58
CA LEU A 103 -16.59 -5.51 -15.78
C LEU A 103 -17.43 -4.57 -16.67
N ALA A 104 -18.58 -4.13 -16.16
CA ALA A 104 -19.55 -3.29 -16.90
C ALA A 104 -20.06 -3.86 -18.23
N LEU A 105 -19.93 -5.17 -18.40
CA LEU A 105 -20.52 -5.86 -19.55
C LEU A 105 -22.02 -6.12 -19.31
N LEU A 106 -22.44 -6.19 -18.05
CA LEU A 106 -23.84 -6.41 -17.68
C LEU A 106 -24.29 -5.31 -16.72
N ASN A 107 -25.58 -4.97 -16.77
CA ASN A 107 -26.16 -4.11 -15.74
C ASN A 107 -26.60 -4.96 -14.54
N ASN A 108 -27.30 -4.34 -13.59
CA ASN A 108 -27.71 -5.06 -12.39
C ASN A 108 -28.91 -5.99 -12.60
N ARG A 109 -29.35 -6.09 -13.84
CA ARG A 109 -30.38 -7.06 -14.20
C ARG A 109 -29.78 -8.22 -14.96
N TYR A 110 -28.45 -8.31 -14.93
CA TYR A 110 -27.71 -9.36 -15.64
C TYR A 110 -27.97 -9.32 -17.14
N GLU A 111 -28.11 -8.13 -17.69
CA GLU A 111 -28.31 -8.00 -19.13
C GLU A 111 -27.32 -7.03 -19.78
N ILE A 112 -27.04 -7.25 -21.06
CA ILE A 112 -26.31 -6.29 -21.88
C ILE A 112 -26.99 -4.93 -21.80
N PRO A 113 -26.28 -3.92 -21.31
CA PRO A 113 -26.90 -2.60 -21.12
C PRO A 113 -27.24 -1.96 -22.46
N ASP A 114 -28.29 -1.14 -22.49
CA ASP A 114 -28.65 -0.44 -23.72
C ASP A 114 -27.64 0.68 -24.01
N THR A 115 -26.90 1.09 -22.98
CA THR A 115 -25.84 2.08 -23.13
C THR A 115 -24.54 1.45 -23.62
N GLN A 116 -24.66 0.26 -24.19
CA GLN A 116 -23.50 -0.41 -24.76
C GLN A 116 -22.94 0.37 -25.94
N THR A 117 -21.61 0.31 -26.09
CA THR A 117 -20.93 0.94 -27.21
C THR A 117 -19.99 -0.06 -27.87
N ALA A 118 -20.57 -1.09 -28.50
CA ALA A 118 -19.80 -2.16 -29.14
C ALA A 118 -19.98 -2.14 -30.65
N ASP A 119 -19.16 -2.93 -31.35
CA ASP A 119 -19.35 -3.07 -32.79
C ASP A 119 -20.45 -4.08 -33.04
N GLU A 120 -20.56 -4.56 -34.29
CA GLU A 120 -21.55 -5.57 -34.61
C GLU A 120 -21.16 -6.94 -34.05
N LYS A 121 -20.05 -7.50 -34.52
CA LYS A 121 -19.68 -8.88 -34.19
C LYS A 121 -19.45 -9.19 -32.70
N GLN A 122 -18.78 -8.29 -31.98
CA GLN A 122 -18.53 -8.50 -30.55
C GLN A 122 -19.84 -8.58 -29.78
N LEU A 123 -20.75 -7.66 -30.08
CA LEU A 123 -22.08 -7.67 -29.50
C LEU A 123 -22.79 -9.02 -29.66
N GLU A 124 -22.81 -9.55 -30.88
CA GLU A 124 -23.44 -10.86 -31.12
C GLU A 124 -22.83 -11.94 -30.24
N ILE A 125 -21.50 -11.94 -30.14
CA ILE A 125 -20.81 -12.91 -29.30
C ILE A 125 -21.22 -12.73 -27.83
N LEU A 126 -21.27 -11.49 -27.38
CA LEU A 126 -21.62 -11.22 -25.98
C LEU A 126 -23.11 -11.46 -25.67
N GLN A 127 -23.98 -11.10 -26.61
CA GLN A 127 -25.41 -11.32 -26.46
C GLN A 127 -25.72 -12.81 -26.28
N ASP A 128 -25.12 -13.64 -27.13
CA ASP A 128 -25.23 -15.08 -26.95
C ASP A 128 -24.62 -15.54 -25.62
N LYS A 129 -23.41 -15.06 -25.32
CA LYS A 129 -22.72 -15.43 -24.07
C LYS A 129 -23.52 -15.01 -22.85
N ALA A 130 -24.33 -13.96 -23.00
CA ALA A 130 -25.11 -13.43 -21.89
C ALA A 130 -26.49 -14.07 -21.78
N ASN A 131 -26.81 -14.97 -22.71
CA ASN A 131 -28.05 -15.72 -22.62
C ASN A 131 -28.01 -16.71 -21.45
N PHE A 132 -28.62 -16.34 -20.33
CA PHE A 132 -28.60 -17.18 -19.15
C PHE A 132 -29.92 -17.96 -18.95
N ARG A 133 -30.75 -18.05 -19.99
CA ARG A 133 -32.02 -18.76 -19.87
C ARG A 133 -31.77 -20.26 -19.73
N ASN A 134 -32.24 -20.84 -18.64
CA ASN A 134 -31.95 -22.24 -18.28
C ASN A 134 -30.45 -22.51 -18.08
N PHE A 135 -29.71 -21.50 -17.63
CA PHE A 135 -28.31 -21.69 -17.31
C PHE A 135 -28.15 -21.93 -15.82
N LYS A 136 -27.32 -22.91 -15.46
CA LYS A 136 -27.04 -23.13 -14.04
C LYS A 136 -25.63 -22.67 -13.71
N PRO A 137 -25.51 -21.65 -12.84
CA PRO A 137 -24.21 -21.08 -12.44
C PRO A 137 -23.36 -22.14 -11.74
N LYS A 138 -22.06 -22.16 -12.02
CA LYS A 138 -21.12 -23.05 -11.36
C LYS A 138 -20.19 -22.24 -10.46
N PRO A 139 -19.47 -22.90 -9.54
CA PRO A 139 -18.62 -22.14 -8.64
C PRO A 139 -17.63 -21.23 -9.40
N PHE A 140 -17.29 -20.09 -8.81
CA PHE A 140 -16.46 -19.09 -9.48
C PHE A 140 -15.50 -18.48 -8.47
N ASN A 141 -14.28 -18.18 -8.94
CA ASN A 141 -13.25 -17.62 -8.09
C ASN A 141 -12.43 -16.61 -8.92
N MET A 142 -12.21 -15.40 -8.39
CA MET A 142 -11.51 -14.34 -9.15
C MET A 142 -10.05 -14.66 -9.43
N LEU A 143 -9.40 -15.37 -8.51
CA LEU A 143 -7.99 -15.72 -8.71
C LEU A 143 -7.90 -16.69 -9.88
N GLU A 144 -8.82 -17.64 -9.93
CA GLU A 144 -8.83 -18.62 -10.99
C GLU A 144 -9.19 -17.92 -12.30
N PHE A 145 -10.10 -16.95 -12.22
CA PHE A 145 -10.50 -16.20 -13.42
C PHE A 145 -9.30 -15.41 -13.98
N TYR A 146 -8.58 -14.72 -13.10
CA TYR A 146 -7.38 -13.99 -13.53
C TYR A 146 -6.34 -14.93 -14.13
N ASP A 147 -6.08 -16.04 -13.45
CA ASP A 147 -5.05 -16.97 -13.90
C ASP A 147 -5.36 -17.55 -15.29
N ARG A 148 -6.64 -17.76 -15.55
CA ARG A 148 -7.07 -18.36 -16.80
C ARG A 148 -7.31 -17.35 -17.92
N ALA A 149 -8.00 -16.25 -17.60
CA ALA A 149 -8.35 -15.29 -18.65
C ALA A 149 -7.29 -14.22 -18.88
N GLY A 150 -6.39 -14.03 -17.91
CA GLY A 150 -5.34 -13.02 -18.05
C GLY A 150 -4.40 -13.33 -19.21
N HIS A 151 -3.81 -12.29 -19.81
CA HIS A 151 -2.90 -12.48 -20.93
C HIS A 151 -1.75 -13.42 -20.55
N ASP A 152 -1.31 -14.16 -21.54
CA ASP A 152 -0.38 -15.27 -21.35
C ASP A 152 0.96 -14.80 -21.88
N ILE A 153 1.99 -14.81 -21.04
CA ILE A 153 3.36 -14.44 -21.48
C ILE A 153 3.77 -15.23 -22.73
N ARG A 154 3.31 -16.48 -22.84
CA ARG A 154 3.68 -17.33 -23.97
C ARG A 154 3.15 -16.79 -25.30
N GLU A 155 2.02 -16.09 -25.29
CA GLU A 155 1.54 -15.44 -26.50
C GLU A 155 2.08 -13.98 -26.68
N MET A 156 2.25 -13.24 -25.60
CA MET A 156 2.72 -11.85 -25.67
C MET A 156 4.19 -11.73 -26.09
N LEU A 157 5.02 -12.63 -25.59
CA LEU A 157 6.44 -12.53 -25.76
C LEU A 157 6.86 -13.00 -27.15
N LEU A 158 7.04 -12.06 -28.07
CA LEU A 158 7.49 -12.35 -29.41
C LEU A 158 8.99 -12.61 -29.45
N SER A 159 9.76 -11.87 -28.66
CA SER A 159 11.19 -12.14 -28.51
C SER A 159 11.75 -11.52 -27.26
N CYS A 160 12.88 -12.05 -26.81
CA CYS A 160 13.46 -11.59 -25.57
C CYS A 160 14.94 -11.95 -25.51
N PHE A 161 15.76 -10.92 -25.34
CA PHE A 161 17.19 -11.09 -25.23
C PHE A 161 17.74 -10.37 -24.02
N PHE A 162 18.68 -11.03 -23.35
CA PHE A 162 19.40 -10.37 -22.30
C PHE A 162 20.90 -10.60 -22.45
N ARG A 163 21.64 -9.51 -22.66
CA ARG A 163 23.09 -9.58 -22.82
C ARG A 163 23.45 -10.60 -23.90
N GLY A 164 22.74 -10.54 -25.01
CA GLY A 164 23.03 -11.39 -26.14
C GLY A 164 22.54 -12.82 -26.02
N GLU A 165 21.96 -13.19 -24.87
CA GLU A 165 21.40 -14.54 -24.70
C GLU A 165 19.89 -14.54 -24.82
N GLN A 166 19.38 -15.54 -25.55
CA GLN A 166 17.95 -15.63 -25.75
C GLN A 166 17.25 -16.06 -24.46
N CYS A 167 16.17 -15.37 -24.10
CA CYS A 167 15.39 -15.75 -22.95
C CYS A 167 14.02 -16.25 -23.45
N SER A 168 13.18 -16.74 -22.57
CA SER A 168 11.95 -17.40 -22.98
C SER A 168 10.88 -17.17 -21.92
N PRO A 169 9.62 -17.60 -22.16
CA PRO A 169 8.59 -17.41 -21.15
C PRO A 169 8.94 -17.99 -19.77
N GLU A 170 9.82 -18.98 -19.73
CA GLU A 170 10.23 -19.58 -18.46
C GLU A 170 11.08 -18.66 -17.61
N ASP A 171 11.60 -17.60 -18.22
CA ASP A 171 12.44 -16.67 -17.47
C ASP A 171 11.60 -15.62 -16.75
N PHE A 172 10.29 -15.66 -16.99
CA PHE A 172 9.36 -14.72 -16.35
C PHE A 172 8.52 -15.44 -15.29
N LYS A 173 8.50 -14.87 -14.08
CA LYS A 173 7.67 -15.41 -13.00
C LYS A 173 6.30 -14.74 -12.95
N VAL A 174 5.24 -15.53 -12.83
CA VAL A 174 3.89 -14.99 -12.67
C VAL A 174 3.78 -14.25 -11.34
N VAL A 175 3.26 -13.02 -11.38
CA VAL A 175 2.97 -12.31 -10.13
C VAL A 175 1.61 -11.62 -10.27
N PHE A 176 0.72 -11.79 -9.29
CA PHE A 176 -0.60 -11.17 -9.36
C PHE A 176 -0.54 -9.82 -8.69
N THR A 177 -1.13 -8.82 -9.33
CA THR A 177 -1.11 -7.44 -8.85
C THR A 177 -2.55 -6.93 -9.06
N ARG A 178 -2.79 -5.66 -8.80
CA ARG A 178 -4.13 -5.14 -9.04
C ARG A 178 -4.54 -5.19 -10.53
N TYR A 179 -3.54 -5.17 -11.41
CA TYR A 179 -3.76 -5.36 -12.84
C TYR A 179 -4.17 -6.79 -13.23
N GLY A 180 -3.94 -7.74 -12.33
CA GLY A 180 -4.25 -9.13 -12.63
C GLY A 180 -3.00 -9.98 -12.77
N LYS A 181 -2.95 -10.77 -13.84
CA LYS A 181 -1.84 -11.70 -14.08
C LYS A 181 -0.67 -10.99 -14.74
N CYS A 182 0.38 -10.70 -13.98
CA CYS A 182 1.54 -9.97 -14.52
C CYS A 182 2.79 -10.86 -14.48
N TYR A 183 3.92 -10.35 -14.98
CA TYR A 183 5.12 -11.15 -15.17
C TYR A 183 6.41 -10.43 -14.76
N THR A 184 7.27 -11.10 -14.00
CA THR A 184 8.52 -10.49 -13.56
C THR A 184 9.74 -11.18 -14.18
N PHE A 185 10.54 -10.42 -14.93
CA PHE A 185 11.82 -10.91 -15.46
C PHE A 185 12.85 -10.77 -14.36
N ASN A 186 13.76 -11.73 -14.28
CA ASN A 186 14.85 -11.68 -13.30
C ASN A 186 14.36 -11.48 -11.87
N ALA A 187 13.36 -12.24 -11.45
CA ALA A 187 12.78 -12.14 -10.09
C ALA A 187 13.73 -12.62 -9.00
N GLY A 188 14.66 -13.51 -9.37
CA GLY A 188 15.61 -14.03 -8.40
C GLY A 188 14.94 -14.80 -7.26
N GLN A 189 13.79 -15.39 -7.55
CA GLN A 189 13.07 -16.19 -6.57
C GLN A 189 13.18 -17.68 -6.92
N ASP A 190 12.74 -18.54 -6.01
CA ASP A 190 12.75 -19.99 -6.23
C ASP A 190 14.13 -20.57 -6.52
N GLY A 191 15.15 -20.01 -5.88
CA GLY A 191 16.49 -20.54 -6.02
C GLY A 191 17.22 -20.14 -7.30
N LYS A 192 16.56 -19.39 -8.18
CA LYS A 192 17.26 -18.89 -9.36
C LYS A 192 18.07 -17.63 -8.99
N PRO A 193 19.34 -17.59 -9.41
CA PRO A 193 20.25 -16.48 -9.09
C PRO A 193 19.92 -15.20 -9.86
N ARG A 194 20.33 -14.06 -9.33
CA ARG A 194 20.15 -12.76 -9.99
C ARG A 194 21.20 -12.50 -11.10
N LEU A 195 20.77 -11.93 -12.22
CA LEU A 195 21.64 -11.63 -13.37
C LEU A 195 22.48 -10.36 -13.20
N ILE A 196 23.55 -10.19 -13.99
CA ILE A 196 24.43 -9.03 -13.83
C ILE A 196 24.77 -8.28 -15.11
N THR A 197 25.05 -6.99 -14.99
CA THR A 197 25.49 -6.16 -16.11
C THR A 197 26.91 -5.71 -15.80
N MET A 198 27.71 -5.47 -16.84
CA MET A 198 29.11 -5.10 -16.69
C MET A 198 29.58 -3.96 -17.58
N LYS A 199 28.68 -3.41 -18.39
CA LYS A 199 29.00 -2.25 -19.21
C LYS A 199 27.77 -1.39 -19.37
N GLY A 200 27.99 -0.11 -19.68
CA GLY A 200 26.89 0.76 -19.98
C GLY A 200 26.34 0.42 -21.35
N GLY A 201 25.06 0.74 -21.57
CA GLY A 201 24.52 0.70 -22.90
C GLY A 201 23.60 -0.45 -23.20
N THR A 202 22.90 -0.31 -24.32
CA THR A 202 21.83 -1.20 -24.71
C THR A 202 22.25 -2.68 -24.79
N GLY A 203 23.48 -2.95 -25.26
CA GLY A 203 23.91 -4.33 -25.47
C GLY A 203 23.96 -5.11 -24.17
N ASN A 204 24.12 -4.40 -23.06
CA ASN A 204 24.27 -5.05 -21.75
C ASN A 204 22.98 -5.16 -20.92
N GLY A 205 21.85 -4.92 -21.55
CA GLY A 205 20.59 -4.99 -20.84
C GLY A 205 19.58 -5.95 -21.43
N LEU A 206 18.31 -5.66 -21.16
CA LEU A 206 17.18 -6.46 -21.62
C LEU A 206 16.57 -5.85 -22.89
N GLU A 207 16.16 -6.67 -23.85
CA GLU A 207 15.28 -6.18 -24.92
C GLU A 207 14.15 -7.19 -25.15
N ILE A 208 12.91 -6.76 -24.98
CA ILE A 208 11.75 -7.62 -25.22
C ILE A 208 10.89 -7.06 -26.32
N MET A 209 10.37 -7.94 -27.16
CA MET A 209 9.34 -7.55 -28.12
C MET A 209 8.01 -8.17 -27.69
N LEU A 210 6.97 -7.35 -27.63
CA LEU A 210 5.69 -7.82 -27.13
C LEU A 210 4.54 -7.56 -28.09
N ASP A 211 3.54 -8.45 -28.03
CA ASP A 211 2.28 -8.24 -28.72
C ASP A 211 1.23 -8.00 -27.62
N ILE A 212 0.68 -6.80 -27.51
CA ILE A 212 -0.26 -6.51 -26.41
C ILE A 212 -1.65 -7.06 -26.72
N GLN A 213 -1.85 -7.52 -27.96
CA GLN A 213 -3.07 -8.24 -28.33
C GLN A 213 -4.37 -7.46 -28.16
N GLN A 214 -4.53 -6.38 -28.90
CA GLN A 214 -5.73 -5.56 -28.75
C GLN A 214 -7.02 -6.26 -29.18
N ASP A 215 -6.92 -7.26 -30.05
CA ASP A 215 -8.14 -7.99 -30.49
C ASP A 215 -8.71 -8.83 -29.37
N GLU A 216 -7.93 -8.95 -28.31
CA GLU A 216 -8.32 -9.70 -27.14
C GLU A 216 -8.79 -8.75 -26.02
N TYR A 217 -8.75 -7.44 -26.25
CA TYR A 217 -9.11 -6.51 -25.18
C TYR A 217 -10.61 -6.62 -24.93
N LEU A 218 -11.00 -6.59 -23.66
CA LEU A 218 -12.39 -6.60 -23.28
C LEU A 218 -13.05 -5.31 -23.75
N PRO A 219 -14.25 -5.40 -24.36
CA PRO A 219 -14.98 -4.17 -24.68
C PRO A 219 -15.25 -3.33 -23.44
N VAL A 220 -15.10 -2.02 -23.58
CA VAL A 220 -15.28 -1.09 -22.49
C VAL A 220 -16.59 -0.35 -22.67
N TRP A 221 -17.54 -0.58 -21.76
CA TRP A 221 -18.87 -0.01 -21.90
C TRP A 221 -19.19 0.90 -20.73
N GLY A 222 -18.29 0.97 -19.78
CA GLY A 222 -18.53 1.78 -18.60
C GLY A 222 -17.20 2.05 -17.93
N GLU A 223 -17.25 2.64 -16.75
CA GLU A 223 -16.03 2.94 -16.02
C GLU A 223 -15.99 2.11 -14.75
N THR A 224 -14.97 1.26 -14.62
CA THR A 224 -14.82 0.44 -13.43
C THR A 224 -13.34 0.43 -13.11
N ASP A 225 -12.97 -0.06 -11.93
CA ASP A 225 -11.58 -0.18 -11.58
C ASP A 225 -10.82 -1.25 -12.37
N GLU A 226 -11.56 -2.14 -13.03
CA GLU A 226 -10.91 -3.26 -13.72
C GLU A 226 -10.64 -3.01 -15.21
N THR A 227 -11.18 -1.93 -15.74
CA THR A 227 -11.00 -1.64 -17.16
C THR A 227 -10.44 -0.23 -17.37
N SER A 228 -9.89 0.04 -18.55
CA SER A 228 -9.36 1.36 -18.82
C SER A 228 -9.54 1.72 -20.28
N PHE A 229 -9.30 3.00 -20.58
CA PHE A 229 -9.42 3.52 -21.93
C PHE A 229 -8.12 3.33 -22.71
N GLU A 230 -7.07 2.84 -22.06
CA GLU A 230 -5.72 2.82 -22.67
C GLU A 230 -5.24 1.45 -23.20
N ALA A 231 -4.39 1.47 -24.22
CA ALA A 231 -3.75 0.26 -24.75
C ALA A 231 -2.25 0.34 -24.55
N GLY A 232 -1.65 -0.75 -24.06
CA GLY A 232 -0.23 -0.76 -23.78
C GLY A 232 0.11 -1.64 -22.60
N ILE A 233 1.27 -1.42 -21.99
CA ILE A 233 1.63 -2.12 -20.76
C ILE A 233 2.10 -1.13 -19.69
N LYS A 234 2.08 -1.60 -18.45
CA LYS A 234 2.62 -0.82 -17.35
C LYS A 234 3.81 -1.64 -16.89
N VAL A 235 4.89 -0.95 -16.50
CA VAL A 235 6.15 -1.61 -16.19
C VAL A 235 6.69 -1.03 -14.89
N GLN A 236 7.35 -1.86 -14.09
CA GLN A 236 8.05 -1.35 -12.93
C GLN A 236 9.40 -2.03 -12.79
N ILE A 237 10.43 -1.22 -12.62
CA ILE A 237 11.79 -1.71 -12.45
C ILE A 237 12.09 -1.60 -10.97
N HIS A 238 12.47 -2.70 -10.33
CA HIS A 238 12.64 -2.66 -8.88
C HIS A 238 13.62 -3.74 -8.38
N SER A 239 14.10 -3.55 -7.16
CA SER A 239 14.97 -4.53 -6.51
C SER A 239 14.22 -5.86 -6.34
N GLN A 240 14.94 -6.98 -6.42
CA GLN A 240 14.33 -8.29 -6.20
C GLN A 240 13.79 -8.41 -4.76
N ASP A 241 14.31 -7.59 -3.86
CA ASP A 241 13.93 -7.65 -2.44
C ASP A 241 12.63 -6.91 -2.15
N GLU A 242 12.04 -6.25 -3.15
CA GLU A 242 10.78 -5.56 -2.92
C GLU A 242 9.72 -6.03 -3.91
N PRO A 243 8.48 -6.20 -3.44
CA PRO A 243 7.43 -6.58 -4.38
C PRO A 243 7.05 -5.37 -5.25
N PRO A 244 6.42 -5.63 -6.40
CA PRO A 244 5.94 -4.54 -7.25
C PRO A 244 4.76 -3.82 -6.63
N LEU A 245 4.57 -2.55 -6.97
CA LEU A 245 3.32 -1.83 -6.66
C LEU A 245 2.96 -1.10 -7.95
N ILE A 246 2.76 -1.88 -8.99
CA ILE A 246 2.85 -1.40 -10.35
C ILE A 246 1.73 -0.41 -10.73
N ASP A 247 0.55 -0.58 -10.16
CA ASP A 247 -0.53 0.38 -10.40
C ASP A 247 -0.16 1.78 -9.88
N GLN A 248 0.56 1.83 -8.78
CA GLN A 248 0.95 3.11 -8.19
C GLN A 248 2.26 3.66 -8.76
N LEU A 249 3.26 2.81 -8.87
CA LEU A 249 4.64 3.27 -9.05
C LEU A 249 5.25 2.95 -10.41
N GLY A 250 4.53 2.26 -11.26
CA GLY A 250 5.10 1.91 -12.57
C GLY A 250 5.24 3.07 -13.57
N PHE A 251 5.79 2.78 -14.74
CA PHE A 251 5.73 3.72 -15.86
C PHE A 251 5.04 3.02 -17.03
N GLY A 252 4.55 3.79 -17.98
CA GLY A 252 3.86 3.18 -19.09
C GLY A 252 4.75 3.00 -20.32
N VAL A 253 4.34 2.10 -21.22
CA VAL A 253 5.02 1.87 -22.49
C VAL A 253 3.96 1.62 -23.56
N ALA A 254 4.08 2.33 -24.67
CA ALA A 254 3.03 2.35 -25.69
C ALA A 254 3.32 1.37 -26.85
N PRO A 255 2.26 0.75 -27.39
CA PRO A 255 2.37 -0.03 -28.63
C PRO A 255 2.75 0.90 -29.80
N GLY A 256 3.44 0.35 -30.81
CA GLY A 256 3.79 1.13 -31.98
C GLY A 256 5.10 1.88 -31.75
N PHE A 257 5.82 1.55 -30.68
CA PHE A 257 7.13 2.17 -30.44
C PHE A 257 8.15 1.21 -29.93
N GLN A 258 9.41 1.50 -30.23
CA GLN A 258 10.52 0.95 -29.45
C GLN A 258 10.89 1.96 -28.37
N THR A 259 10.82 1.54 -27.11
CA THR A 259 11.12 2.43 -26.00
C THR A 259 12.45 2.10 -25.31
N PHE A 260 13.33 3.10 -25.23
CA PHE A 260 14.61 2.96 -24.52
C PHE A 260 14.51 3.49 -23.09
N VAL A 261 14.96 2.69 -22.12
CA VAL A 261 14.93 3.09 -20.71
C VAL A 261 16.33 2.98 -20.16
N SER A 262 17.00 4.12 -20.05
CA SER A 262 18.40 4.17 -19.61
C SER A 262 18.40 4.42 -18.11
N CYS A 263 19.00 3.53 -17.33
CA CYS A 263 18.88 3.56 -15.86
C CYS A 263 20.15 3.98 -15.12
N GLN A 264 19.97 4.58 -13.94
CA GLN A 264 21.06 4.80 -12.98
C GLN A 264 20.67 4.27 -11.61
N GLU A 265 21.53 3.45 -11.03
CA GLU A 265 21.22 2.90 -9.72
C GLU A 265 21.63 3.89 -8.64
N GLN A 266 20.77 4.02 -7.63
CA GLN A 266 21.08 4.89 -6.51
C GLN A 266 20.77 4.13 -5.22
N ARG A 267 21.76 4.04 -4.33
CA ARG A 267 21.55 3.34 -3.04
C ARG A 267 21.48 4.33 -1.89
N LEU A 268 20.38 4.28 -1.14
CA LEU A 268 20.22 5.16 0.00
C LEU A 268 20.27 4.35 1.28
N ILE A 269 21.12 4.76 2.20
CA ILE A 269 21.31 4.06 3.46
C ILE A 269 20.98 4.95 4.65
N TYR A 270 20.11 4.46 5.51
CA TYR A 270 19.67 5.20 6.67
C TYR A 270 20.11 4.50 7.95
N LEU A 271 20.25 5.28 9.03
CA LEU A 271 20.62 4.72 10.33
C LEU A 271 19.40 4.32 11.16
N PRO A 272 19.50 3.22 11.90
CA PRO A 272 18.44 2.80 12.83
C PRO A 272 18.53 3.63 14.12
N PRO A 273 17.56 3.48 15.03
CA PRO A 273 17.67 4.17 16.33
C PRO A 273 18.91 3.74 17.12
N PRO A 274 19.43 4.62 17.98
CA PRO A 274 18.86 5.93 18.31
C PRO A 274 19.23 7.05 17.31
N TRP A 275 20.18 6.82 16.41
CA TRP A 275 20.58 7.86 15.46
C TRP A 275 19.44 8.28 14.52
N GLY A 276 18.81 7.29 13.89
CA GLY A 276 17.79 7.53 12.90
C GLY A 276 16.58 6.68 13.17
N ASP A 277 15.62 6.68 12.26
CA ASP A 277 14.38 5.96 12.56
C ASP A 277 14.04 4.91 11.53
N CYS A 278 15.06 4.33 10.90
CA CYS A 278 14.84 3.34 9.87
C CYS A 278 14.54 1.95 10.45
N LYS A 279 13.76 1.18 9.71
CA LYS A 279 13.36 -0.15 10.12
C LYS A 279 14.21 -1.14 9.32
N ALA A 280 14.79 -2.11 10.00
CA ALA A 280 15.64 -3.10 9.34
C ALA A 280 14.83 -4.22 8.69
N THR A 281 14.17 -5.02 9.52
CA THR A 281 13.41 -6.18 9.05
C THR A 281 11.95 -6.09 9.45
N THR A 282 11.25 -7.23 9.37
CA THR A 282 9.92 -7.38 9.95
C THR A 282 9.55 -8.85 10.04
N GLY A 283 9.04 -9.27 11.20
CA GLY A 283 8.60 -10.64 11.41
C GLY A 283 7.19 -10.67 11.97
N GLU A 286 5.36 -8.29 7.64
CA GLU A 286 4.43 -9.26 8.20
C GLU A 286 4.10 -10.36 7.18
N PHE A 287 4.32 -10.05 5.91
CA PHE A 287 3.98 -10.96 4.82
C PHE A 287 5.18 -11.21 3.90
N TYR A 288 6.19 -10.35 4.03
CA TYR A 288 7.38 -10.44 3.18
C TYR A 288 8.67 -10.57 4.00
N ASP A 289 9.74 -11.00 3.33
CA ASP A 289 11.01 -11.29 4.00
C ASP A 289 11.75 -10.02 4.42
N THR A 290 12.18 -9.26 3.42
CA THR A 290 12.86 -7.99 3.63
C THR A 290 11.82 -6.90 3.80
N TYR A 291 12.18 -5.85 4.54
CA TYR A 291 11.28 -4.71 4.68
C TYR A 291 11.54 -3.68 3.57
N SER A 292 10.47 -3.10 3.06
CA SER A 292 10.53 -2.04 2.06
C SER A 292 9.24 -1.26 2.19
N ILE A 293 9.20 -0.03 1.65
CA ILE A 293 7.97 0.73 1.64
C ILE A 293 6.82 -0.09 1.01
N THR A 294 7.07 -0.67 -0.17
CA THR A 294 6.04 -1.42 -0.85
C THR A 294 5.53 -2.62 -0.04
N ALA A 295 6.43 -3.35 0.64
CA ALA A 295 6.03 -4.41 1.57
C ALA A 295 5.11 -3.87 2.66
N CYS A 296 5.47 -2.72 3.24
CA CYS A 296 4.63 -2.07 4.24
C CYS A 296 3.27 -1.71 3.69
N ARG A 297 3.24 -1.12 2.49
CA ARG A 297 1.96 -0.70 1.91
C ARG A 297 1.08 -1.93 1.62
N ILE A 298 1.65 -2.99 1.05
CA ILE A 298 0.83 -4.14 0.74
C ILE A 298 0.29 -4.78 2.03
N ASP A 299 1.11 -4.84 3.08
CA ASP A 299 0.64 -5.31 4.41
C ASP A 299 -0.55 -4.48 4.88
N CYS A 300 -0.41 -3.16 4.84
CA CYS A 300 -1.50 -2.27 5.25
C CYS A 300 -2.74 -2.46 4.43
N GLU A 301 -2.59 -2.50 3.11
CA GLU A 301 -3.74 -2.64 2.23
C GLU A 301 -4.49 -3.94 2.53
N THR A 302 -3.75 -5.01 2.78
CA THR A 302 -4.34 -6.29 3.06
C THR A 302 -5.14 -6.24 4.37
N ARG A 303 -4.47 -5.77 5.42
CA ARG A 303 -5.13 -5.57 6.72
C ARG A 303 -6.38 -4.73 6.59
N TYR A 304 -6.33 -3.70 5.76
CA TYR A 304 -7.45 -2.78 5.61
C TYR A 304 -8.65 -3.46 4.95
N LEU A 305 -8.38 -4.28 3.94
CA LEU A 305 -9.47 -4.94 3.23
C LEU A 305 -10.11 -6.01 4.13
N VAL A 306 -9.29 -6.77 4.83
CA VAL A 306 -9.79 -7.81 5.71
C VAL A 306 -10.65 -7.18 6.82
N GLU A 307 -10.13 -6.12 7.43
CA GLU A 307 -10.87 -5.34 8.42
C GLU A 307 -12.19 -4.77 7.91
N ASN A 308 -12.22 -4.24 6.69
CA ASN A 308 -13.41 -3.50 6.25
C ASN A 308 -14.35 -4.23 5.31
N CYS A 309 -13.88 -5.36 4.77
CA CYS A 309 -14.65 -6.09 3.78
C CYS A 309 -14.76 -7.57 4.14
N ASN A 310 -13.96 -8.02 5.10
CA ASN A 310 -13.86 -9.43 5.48
C ASN A 310 -13.28 -10.34 4.38
N CYS A 311 -12.56 -9.75 3.46
CA CYS A 311 -11.97 -10.50 2.36
C CYS A 311 -10.73 -9.79 1.82
N ARG A 312 -9.92 -10.52 1.05
CA ARG A 312 -8.75 -9.93 0.43
C ARG A 312 -8.91 -10.01 -1.07
N MET A 313 -8.30 -9.06 -1.79
CA MET A 313 -8.23 -9.16 -3.24
C MET A 313 -7.24 -10.28 -3.59
N VAL A 314 -7.32 -10.81 -4.81
CA VAL A 314 -6.64 -12.07 -5.08
C VAL A 314 -5.11 -11.95 -5.20
N HIS A 315 -4.60 -10.74 -5.28
CA HIS A 315 -3.16 -10.56 -5.34
C HIS A 315 -2.52 -10.34 -3.98
N MET A 316 -3.34 -10.21 -2.94
CA MET A 316 -2.81 -9.92 -1.60
C MET A 316 -2.43 -11.21 -0.88
N PRO A 317 -1.42 -11.14 -0.01
CA PRO A 317 -0.98 -12.31 0.76
C PRO A 317 -1.91 -12.58 1.95
N GLY A 318 -1.59 -13.57 2.78
CA GLY A 318 -2.43 -13.90 3.93
C GLY A 318 -3.38 -15.07 3.74
N ASP A 319 -4.37 -15.16 4.61
CA ASP A 319 -5.26 -16.32 4.71
C ASP A 319 -6.73 -16.03 4.50
N ALA A 320 -7.12 -14.75 4.45
CA ALA A 320 -8.54 -14.42 4.38
C ALA A 320 -9.15 -14.94 3.09
N PRO A 321 -10.48 -15.12 3.07
CA PRO A 321 -11.13 -15.52 1.81
C PRO A 321 -10.98 -14.45 0.73
N TYR A 322 -11.00 -14.90 -0.53
CA TYR A 322 -10.91 -14.00 -1.69
C TYR A 322 -12.24 -13.29 -1.91
N CYS A 323 -12.20 -11.99 -2.17
CA CYS A 323 -13.42 -11.25 -2.47
C CYS A 323 -14.14 -11.84 -3.68
N THR A 324 -15.47 -11.98 -3.58
CA THR A 324 -16.30 -12.32 -4.72
C THR A 324 -16.34 -11.10 -5.65
N PRO A 325 -16.82 -11.27 -6.90
CA PRO A 325 -16.95 -10.06 -7.72
C PRO A 325 -17.89 -9.03 -7.11
N GLU A 326 -18.95 -9.44 -6.42
CA GLU A 326 -19.83 -8.45 -5.79
C GLU A 326 -19.11 -7.63 -4.72
N GLN A 327 -18.29 -8.30 -3.92
CA GLN A 327 -17.44 -7.67 -2.92
C GLN A 327 -16.38 -6.74 -3.52
N TYR A 328 -15.80 -7.12 -4.67
CA TYR A 328 -14.87 -6.24 -5.40
C TYR A 328 -15.57 -4.95 -5.72
N LYS A 329 -16.76 -5.07 -6.33
CA LYS A 329 -17.49 -3.90 -6.78
C LYS A 329 -17.97 -3.02 -5.62
N GLU A 330 -18.56 -3.65 -4.60
CA GLU A 330 -19.26 -2.91 -3.55
C GLU A 330 -18.37 -2.45 -2.39
N CYS A 331 -17.33 -3.21 -2.10
CA CYS A 331 -16.54 -3.00 -0.91
C CYS A 331 -15.02 -2.94 -1.18
N ALA A 332 -14.46 -3.92 -1.89
CA ALA A 332 -13.01 -3.99 -2.03
C ALA A 332 -12.38 -2.89 -2.92
N ASP A 333 -12.89 -2.69 -4.14
CA ASP A 333 -12.40 -1.60 -4.98
C ASP A 333 -12.55 -0.21 -4.31
N PRO A 334 -13.76 0.15 -3.83
CA PRO A 334 -13.88 1.42 -3.11
C PRO A 334 -12.95 1.56 -1.89
N ALA A 335 -12.82 0.50 -1.08
CA ALA A 335 -11.98 0.61 0.11
C ALA A 335 -10.51 0.79 -0.27
N LEU A 336 -10.04 0.06 -1.28
CA LEU A 336 -8.65 0.17 -1.71
C LEU A 336 -8.41 1.55 -2.34
N ASP A 337 -9.36 2.01 -3.16
CA ASP A 337 -9.27 3.33 -3.77
C ASP A 337 -9.19 4.40 -2.68
N PHE A 338 -10.02 4.26 -1.64
CA PHE A 338 -10.05 5.25 -0.56
C PHE A 338 -8.71 5.27 0.14
N LEU A 339 -8.23 4.09 0.51
CA LEU A 339 -6.96 4.00 1.20
C LEU A 339 -5.80 4.58 0.37
N VAL A 340 -5.78 4.27 -0.92
CA VAL A 340 -4.70 4.64 -1.84
C VAL A 340 -4.78 6.13 -2.32
N GLU A 341 -5.95 6.74 -2.20
CA GLU A 341 -6.12 8.10 -2.73
C GLU A 341 -6.35 9.15 -1.65
N LYS A 342 -7.20 8.80 -0.68
CA LYS A 342 -7.77 9.77 0.24
C LYS A 342 -7.21 9.69 1.64
N ASP A 343 -7.12 8.47 2.18
CA ASP A 343 -6.73 8.29 3.58
C ASP A 343 -5.34 8.88 3.81
N ASN A 344 -5.16 9.45 5.00
CA ASN A 344 -3.90 10.10 5.31
C ASN A 344 -3.30 9.53 6.58
N GLU A 345 -4.06 8.68 7.26
CA GLU A 345 -3.63 8.22 8.58
C GLU A 345 -3.44 6.70 8.73
N TYR A 346 -4.24 5.90 8.03
CA TYR A 346 -4.24 4.46 8.27
C TYR A 346 -2.84 3.87 8.12
N CYS A 347 -2.17 4.20 7.03
CA CYS A 347 -0.86 3.63 6.79
C CYS A 347 0.15 4.79 6.69
N VAL A 348 1.11 4.79 7.60
CA VAL A 348 2.24 5.70 7.54
C VAL A 348 3.46 4.81 7.75
N CYS A 349 4.25 4.62 6.70
CA CYS A 349 5.32 3.62 6.71
C CYS A 349 6.65 4.17 7.23
N GLU A 350 7.30 3.39 8.09
CA GLU A 350 8.63 3.72 8.58
C GLU A 350 9.63 3.54 7.45
N MET A 351 10.55 4.49 7.30
CA MET A 351 11.57 4.41 6.25
C MET A 351 12.41 3.13 6.39
N PRO A 352 12.75 2.49 5.28
CA PRO A 352 13.62 1.32 5.39
C PRO A 352 15.09 1.72 5.51
N CYS A 353 15.91 0.82 6.01
CA CYS A 353 17.32 1.15 6.20
C CYS A 353 18.07 1.11 4.87
N ASN A 354 17.56 0.32 3.94
CA ASN A 354 18.19 0.13 2.64
C ASN A 354 17.20 0.37 1.51
N VAL A 355 17.44 1.41 0.72
CA VAL A 355 16.61 1.67 -0.44
C VAL A 355 17.48 1.72 -1.70
N THR A 356 17.06 0.98 -2.73
CA THR A 356 17.66 1.07 -4.05
C THR A 356 16.66 1.72 -4.98
N ARG A 357 17.05 2.84 -5.58
CA ARG A 357 16.19 3.55 -6.52
C ARG A 357 16.84 3.49 -7.92
N TYR A 358 16.02 3.50 -8.96
CA TYR A 358 16.55 3.52 -10.34
C TYR A 358 16.10 4.78 -11.05
N GLY A 359 17.00 5.74 -11.26
CA GLY A 359 16.66 6.90 -12.07
C GLY A 359 16.52 6.42 -13.51
N LYS A 360 15.59 7.00 -14.26
CA LYS A 360 15.27 6.48 -15.61
C LYS A 360 15.12 7.59 -16.65
N GLU A 361 15.72 7.42 -17.83
CA GLU A 361 15.50 8.34 -18.95
C GLU A 361 14.93 7.58 -20.13
N LEU A 362 13.73 7.96 -20.54
CA LEU A 362 12.98 7.23 -21.55
C LEU A 362 12.97 7.98 -22.85
N SER A 363 12.98 7.24 -23.95
CA SER A 363 12.89 7.84 -25.28
C SER A 363 12.32 6.81 -26.25
N MET A 364 11.87 7.25 -27.41
CA MET A 364 11.14 6.35 -28.31
C MET A 364 11.47 6.58 -29.75
N VAL A 365 11.39 5.51 -30.54
CA VAL A 365 11.36 5.59 -31.99
C VAL A 365 10.15 4.75 -32.46
N LYS A 366 9.73 4.91 -33.70
CA LYS A 366 8.53 4.24 -34.19
C LYS A 366 8.81 2.80 -34.65
N ILE A 367 7.87 1.89 -34.42
CA ILE A 367 7.86 0.55 -35.04
C ILE A 367 6.42 0.27 -35.47
N PRO A 368 6.23 -0.31 -36.67
CA PRO A 368 7.26 -0.67 -37.66
C PRO A 368 7.52 0.45 -38.66
N SER A 369 8.72 0.51 -39.21
CA SER A 369 8.92 1.34 -40.40
C SER A 369 8.06 0.78 -41.55
N LYS A 370 7.79 1.60 -42.56
CA LYS A 370 7.08 1.12 -43.75
C LYS A 370 7.82 -0.07 -44.36
N ALA A 371 9.14 0.02 -44.39
CA ALA A 371 9.99 -0.99 -45.02
C ALA A 371 10.05 -2.32 -44.27
N SER A 372 9.58 -2.37 -43.03
CA SER A 372 9.72 -3.59 -42.25
C SER A 372 8.36 -4.17 -41.85
N ALA A 373 7.30 -3.41 -42.07
CA ALA A 373 5.97 -3.82 -41.67
C ALA A 373 5.54 -5.19 -42.26
N LYS A 374 5.76 -5.40 -43.56
CA LYS A 374 5.37 -6.69 -44.15
C LYS A 374 6.17 -7.85 -43.63
N TYR A 375 7.44 -7.61 -43.36
CA TYR A 375 8.25 -8.67 -42.77
C TYR A 375 7.67 -9.13 -41.44
N LEU A 376 7.33 -8.17 -40.58
CA LEU A 376 6.76 -8.48 -39.27
C LEU A 376 5.36 -9.11 -39.40
N ALA A 377 4.52 -8.58 -40.28
CA ALA A 377 3.19 -9.13 -40.49
C ALA A 377 3.27 -10.61 -40.91
N LYS A 378 4.16 -10.91 -41.84
CA LYS A 378 4.31 -12.27 -42.31
C LYS A 378 4.93 -13.18 -41.26
N LYS A 379 5.92 -12.68 -40.54
CA LYS A 379 6.61 -13.50 -39.54
C LYS A 379 5.69 -13.90 -38.38
N TYR A 380 4.70 -13.06 -38.08
CA TYR A 380 3.78 -13.35 -36.99
C TYR A 380 2.35 -13.62 -37.46
N ASN A 381 2.16 -13.71 -38.78
CA ASN A 381 0.86 -14.06 -39.34
C ASN A 381 -0.22 -13.09 -38.88
N LYS A 382 0.06 -11.79 -39.01
CA LYS A 382 -0.89 -10.75 -38.68
C LYS A 382 -0.96 -9.78 -39.85
N SER A 383 -1.94 -8.89 -39.88
CA SER A 383 -1.97 -7.83 -40.88
C SER A 383 -0.96 -6.73 -40.51
N GLU A 384 -0.64 -5.87 -41.47
CA GLU A 384 0.30 -4.77 -41.23
C GLU A 384 -0.28 -3.76 -40.27
N GLN A 385 -1.59 -3.57 -40.32
CA GLN A 385 -2.24 -2.63 -39.42
C GLN A 385 -2.20 -3.14 -37.99
N TYR A 386 -2.39 -4.45 -37.83
CA TYR A 386 -2.29 -5.08 -36.53
C TYR A 386 -0.92 -4.84 -35.91
N ILE A 387 0.12 -5.00 -36.73
CA ILE A 387 1.47 -4.86 -36.23
C ILE A 387 1.64 -3.47 -35.66
N GLY A 388 1.13 -2.47 -36.39
CA GLY A 388 1.21 -1.08 -35.99
C GLY A 388 0.47 -0.71 -34.72
N GLU A 389 -0.55 -1.49 -34.36
CA GLU A 389 -1.36 -1.16 -33.21
C GLU A 389 -1.03 -1.99 -31.97
N ASN A 390 -0.19 -3.01 -32.13
CA ASN A 390 0.00 -4.02 -31.08
C ASN A 390 1.43 -4.34 -30.67
N ILE A 391 2.37 -4.11 -31.58
CA ILE A 391 3.74 -4.51 -31.31
C ILE A 391 4.48 -3.37 -30.63
N LEU A 392 5.29 -3.73 -29.64
CA LEU A 392 6.21 -2.78 -29.04
C LEU A 392 7.49 -3.52 -28.72
N VAL A 393 8.56 -2.75 -28.67
CA VAL A 393 9.85 -3.21 -28.18
C VAL A 393 10.30 -2.34 -26.99
N LEU A 394 10.85 -2.99 -25.97
CA LEU A 394 11.32 -2.31 -24.78
C LEU A 394 12.75 -2.73 -24.45
N ASP A 395 13.62 -1.72 -24.31
CA ASP A 395 15.02 -1.93 -23.94
C ASP A 395 15.30 -1.31 -22.57
N ILE A 396 15.76 -2.12 -21.62
CA ILE A 396 16.10 -1.61 -20.29
C ILE A 396 17.57 -1.91 -19.99
N PHE A 397 18.36 -0.88 -19.75
CA PHE A 397 19.80 -1.05 -19.60
C PHE A 397 20.30 0.07 -18.73
N PHE A 398 21.58 0.01 -18.35
CA PHE A 398 22.17 1.05 -17.53
C PHE A 398 23.06 1.99 -18.34
N GLU A 399 23.03 3.25 -17.95
CA GLU A 399 23.88 4.28 -18.52
C GLU A 399 25.35 3.95 -18.28
N ALA A 400 25.64 3.40 -17.10
CA ALA A 400 27.01 3.16 -16.65
C ALA A 400 26.93 2.32 -15.38
N LEU A 401 28.02 1.65 -15.03
CA LEU A 401 27.95 0.77 -13.86
C LEU A 401 27.97 1.54 -12.55
N ASN A 402 28.65 2.68 -12.54
CA ASN A 402 28.66 3.55 -11.37
C ASN A 402 27.30 3.71 -10.70
N TYR A 403 27.26 3.48 -9.40
CA TYR A 403 26.06 3.78 -8.67
C TYR A 403 26.40 4.84 -7.65
N GLU A 404 25.42 5.68 -7.36
CA GLU A 404 25.58 6.71 -6.37
C GLU A 404 25.08 6.17 -5.04
N THR A 405 25.74 6.55 -3.95
CA THR A 405 25.27 6.18 -2.64
C THR A 405 25.07 7.41 -1.81
N ILE A 406 23.99 7.43 -1.06
CA ILE A 406 23.67 8.52 -0.18
C ILE A 406 23.44 7.87 1.18
N GLU A 407 24.34 8.16 2.11
CA GLU A 407 24.36 7.44 3.38
C GLU A 407 24.37 8.34 4.62
N GLN A 408 23.49 8.05 5.57
CA GLN A 408 23.57 8.67 6.88
C GLN A 408 24.70 8.06 7.71
N LYS A 409 25.61 8.88 8.20
CA LYS A 409 26.71 8.44 9.06
C LYS A 409 26.56 9.01 10.46
N LYS A 410 26.95 8.23 11.47
CA LYS A 410 26.99 8.73 12.84
C LYS A 410 27.96 9.90 12.88
N ALA A 411 27.53 11.02 13.46
CA ALA A 411 28.28 12.26 13.39
C ALA A 411 29.20 12.56 14.59
N TYR A 412 28.96 11.89 15.73
CA TYR A 412 29.71 12.17 16.95
C TYR A 412 29.71 10.95 17.87
N GLU A 413 30.57 9.99 17.58
CA GLU A 413 30.66 8.77 18.38
C GLU A 413 31.56 8.97 19.61
N VAL A 414 31.70 7.91 20.42
CA VAL A 414 32.46 7.98 21.67
C VAL A 414 33.87 8.52 21.49
N ALA A 415 34.59 7.98 20.50
CA ALA A 415 35.93 8.47 20.17
C ALA A 415 35.96 9.99 20.01
N GLY A 416 35.06 10.51 19.18
CA GLY A 416 34.98 11.94 18.97
C GLY A 416 34.62 12.71 20.23
N LEU A 417 33.92 12.07 21.15
CA LEU A 417 33.52 12.73 22.40
C LEU A 417 34.70 12.92 23.35
N LEU A 418 35.45 11.84 23.56
CA LEU A 418 36.60 11.86 24.46
C LEU A 418 37.69 12.81 23.97
N GLY A 419 38.15 12.61 22.73
CA GLY A 419 39.20 13.41 22.14
C GLY A 419 38.84 14.90 22.11
N ASP A 420 37.55 15.17 22.21
CA ASP A 420 37.05 16.53 22.25
C ASP A 420 37.17 17.08 23.66
N ILE A 421 36.79 16.27 24.64
CA ILE A 421 36.84 16.69 26.03
C ILE A 421 38.28 16.93 26.47
N GLY A 422 39.16 16.01 26.10
CA GLY A 422 40.57 16.12 26.42
C GLY A 422 41.25 17.26 25.68
N GLY A 423 40.67 17.67 24.57
CA GLY A 423 41.19 18.80 23.80
C GLY A 423 40.74 20.13 24.39
N GLN A 424 39.62 20.10 25.09
CA GLN A 424 39.11 21.28 25.78
C GLN A 424 39.79 21.46 27.14
N MET A 425 40.16 20.34 27.77
CA MET A 425 40.91 20.38 29.01
C MET A 425 42.24 21.07 28.82
N GLY A 426 42.90 20.80 27.69
CA GLY A 426 44.15 21.45 27.36
C GLY A 426 43.99 22.93 27.09
N LEU A 427 42.84 23.29 26.53
CA LEU A 427 42.56 24.68 26.20
C LEU A 427 42.33 25.53 27.44
N PHE A 428 41.63 24.96 28.42
CA PHE A 428 41.20 25.73 29.59
C PHE A 428 42.23 25.73 30.73
N ILE A 429 42.69 24.56 31.11
CA ILE A 429 43.61 24.42 32.24
C ILE A 429 45.05 24.20 31.78
N GLY A 430 45.22 23.37 30.75
CA GLY A 430 46.54 22.95 30.32
C GLY A 430 46.74 21.50 30.69
N ALA A 431 45.68 20.89 31.20
CA ALA A 431 45.69 19.49 31.63
C ALA A 431 46.07 18.56 30.49
N SER A 432 46.81 17.51 30.81
CA SER A 432 47.23 16.52 29.84
C SER A 432 46.82 15.13 30.31
N ILE A 433 47.09 14.12 29.48
CA ILE A 433 46.89 12.73 29.88
C ILE A 433 47.90 12.41 30.97
N LEU A 434 49.07 13.04 30.88
CA LEU A 434 50.12 12.91 31.88
C LEU A 434 49.73 13.63 33.17
N THR A 435 49.34 14.89 33.04
CA THR A 435 48.90 15.71 34.16
C THR A 435 47.85 14.99 35.03
N VAL A 436 46.93 14.29 34.37
CA VAL A 436 45.85 13.60 35.08
C VAL A 436 46.36 12.39 35.87
N LEU A 437 47.18 11.54 35.24
CA LEU A 437 47.71 10.36 35.92
C LEU A 437 48.70 10.74 37.03
N GLU A 438 49.19 11.97 36.99
CA GLU A 438 50.02 12.52 38.06
C GLU A 438 49.17 12.80 39.30
N LEU A 439 48.15 13.62 39.12
CA LEU A 439 47.33 14.08 40.24
C LEU A 439 46.35 13.01 40.68
N PHE A 440 46.26 11.93 39.92
CA PHE A 440 45.43 10.79 40.30
C PHE A 440 46.26 9.81 41.13
N ASP A 441 47.58 9.84 40.95
CA ASP A 441 48.48 9.03 41.75
C ASP A 441 48.85 9.78 43.03
N TYR A 442 48.85 11.12 42.94
CA TYR A 442 49.10 11.98 44.08
C TYR A 442 47.93 11.93 45.06
N ALA A 443 46.76 11.55 44.56
CA ALA A 443 45.58 11.40 45.40
C ALA A 443 44.63 10.34 44.84
N PCA B 1 -15.95 12.27 23.40
CA PCA B 1 -15.07 12.60 24.50
CB PCA B 1 -15.77 13.56 25.47
CG PCA B 1 -17.14 13.86 24.90
CD PCA B 1 -17.16 13.04 23.63
OE PCA B 1 -18.13 13.02 22.88
C PCA B 1 -14.54 11.38 25.22
O PCA B 1 -13.89 11.49 26.25
N ILE B 2 -14.79 10.21 24.64
CA ILE B 2 -14.40 8.96 25.27
C ILE B 2 -12.89 8.83 25.46
N ARG B 3 -12.12 9.49 24.61
CA ARG B 3 -10.68 9.43 24.73
C ARG B 3 -10.19 10.88 24.66
N PRO B 4 -9.04 11.17 25.27
CA PRO B 4 -8.52 12.55 25.30
C PRO B 4 -8.31 13.14 23.91
N ALA B 5 -8.54 14.45 23.78
CA ALA B 5 -8.44 15.14 22.51
C ALA B 5 -7.08 15.01 21.82
N PHE B 6 -6.01 14.79 22.59
CA PHE B 6 -4.68 14.71 22.00
C PHE B 6 -4.47 13.38 21.24
N CYS B 7 -5.33 12.40 21.52
CA CYS B 7 -5.28 11.10 20.84
C CYS B 7 -5.43 11.24 19.33
N TYR B 8 -6.09 12.32 18.91
CA TYR B 8 -6.38 12.56 17.51
C TYR B 8 -5.30 13.36 16.78
N GLU B 9 -4.22 13.72 17.49
CA GLU B 9 -3.13 14.46 16.87
C GLU B 9 -2.09 13.53 16.25
N ASP B 10 -1.57 13.90 15.10
CA ASP B 10 -0.49 13.16 14.47
C ASP B 10 0.77 13.24 15.32
N PRO B 11 1.39 12.09 15.57
CA PRO B 11 2.69 12.13 16.24
C PRO B 11 3.73 12.72 15.28
N PRO B 12 4.88 13.18 15.81
CA PRO B 12 5.91 13.80 14.96
C PRO B 12 6.78 12.82 14.17
N PHE B 13 6.19 12.08 13.23
CA PHE B 13 6.94 11.13 12.39
C PHE B 13 8.17 11.80 11.75
N PHE B 14 9.30 11.11 11.84
CA PHE B 14 10.55 11.49 11.15
C PHE B 14 11.27 12.73 11.69
N GLN B 15 10.66 13.42 12.65
CA GLN B 15 11.29 14.59 13.25
C GLN B 15 12.28 14.18 14.35
N LYS B 16 13.53 14.61 14.21
CA LYS B 16 14.57 14.25 15.17
C LYS B 16 14.96 15.44 16.05
N CYS B 17 14.75 15.30 17.36
CA CYS B 17 15.21 16.28 18.31
C CYS B 17 16.03 15.56 19.38
N GLY B 18 16.65 14.46 18.99
CA GLY B 18 17.40 13.64 19.92
C GLY B 18 17.37 12.17 19.54
N ALA B 19 17.45 11.30 20.53
CA ALA B 19 17.52 9.88 20.26
C ALA B 19 16.16 9.35 19.83
N PHE B 20 16.16 8.47 18.84
CA PHE B 20 14.93 7.80 18.45
C PHE B 20 14.74 6.58 19.33
N VAL B 21 13.52 6.39 19.80
CA VAL B 21 13.22 5.29 20.70
C VAL B 21 11.87 4.69 20.29
N ASP B 22 11.64 3.43 20.65
CA ASP B 22 10.34 2.80 20.46
C ASP B 22 9.24 3.57 21.18
N SER B 23 8.11 3.76 20.51
CA SER B 23 7.01 4.50 21.10
C SER B 23 5.68 4.05 20.49
N TYR B 24 4.58 4.51 21.05
CA TYR B 24 3.26 4.09 20.58
C TYR B 24 2.35 5.30 20.54
N TYR B 25 1.54 5.39 19.50
CA TYR B 25 0.61 6.51 19.36
C TYR B 25 -0.74 5.94 18.98
N PHE B 26 -1.80 6.72 19.21
CA PHE B 26 -3.12 6.29 18.84
C PHE B 26 -3.37 6.70 17.40
N ASN B 27 -3.76 5.74 16.57
CA ASN B 27 -4.01 5.98 15.17
C ASN B 27 -5.50 6.13 14.97
N ARG B 28 -5.95 7.32 14.60
CA ARG B 28 -7.37 7.60 14.57
C ARG B 28 -8.13 7.01 13.37
N SER B 29 -7.40 6.37 12.47
CA SER B 29 -8.05 5.68 11.36
C SER B 29 -8.21 4.19 11.68
N ARG B 30 -7.18 3.58 12.25
CA ARG B 30 -7.28 2.22 12.74
C ARG B 30 -8.14 2.14 13.99
N ILE B 31 -8.22 3.26 14.71
CA ILE B 31 -8.87 3.30 16.03
C ILE B 31 -8.20 2.31 16.99
N THR B 32 -6.87 2.33 17.00
CA THR B 32 -6.08 1.54 17.95
C THR B 32 -4.66 2.08 17.94
N CYS B 33 -3.82 1.61 18.85
CA CYS B 33 -2.47 2.15 18.95
C CYS B 33 -1.46 1.39 18.09
N VAL B 34 -0.41 2.10 17.68
CA VAL B 34 0.51 1.62 16.65
C VAL B 34 1.91 2.03 17.03
N HIS B 35 2.89 1.16 16.79
CA HIS B 35 4.29 1.46 17.06
C HIS B 35 4.84 2.56 16.16
N PHE B 36 5.78 3.34 16.67
CA PHE B 36 6.53 4.30 15.83
C PHE B 36 7.82 4.68 16.52
N PHE B 37 8.72 5.34 15.80
CA PHE B 37 9.95 5.80 16.42
C PHE B 37 9.81 7.27 16.80
N TYR B 38 9.87 7.53 18.10
CA TYR B 38 9.76 8.87 18.65
C TYR B 38 11.13 9.51 18.79
N GLY B 39 11.29 10.71 18.24
CA GLY B 39 12.58 11.39 18.25
C GLY B 39 12.71 12.53 19.27
N GLN B 40 11.87 12.53 20.29
CA GLN B 40 11.90 13.51 21.40
C GLN B 40 11.35 14.90 21.06
N CYS B 41 10.70 15.06 19.91
CA CYS B 41 10.05 16.34 19.64
C CYS B 41 8.67 16.31 20.29
N ASP B 42 8.58 16.88 21.49
CA ASP B 42 7.38 16.75 22.32
C ASP B 42 6.27 17.71 21.87
N VAL B 43 5.85 17.57 20.63
CA VAL B 43 4.88 18.47 20.01
C VAL B 43 3.48 18.25 20.59
N ASN B 44 3.17 17.02 20.97
CA ASN B 44 1.92 16.75 21.68
C ASN B 44 2.07 15.52 22.56
N GLN B 45 0.98 15.11 23.20
CA GLN B 45 1.01 14.02 24.15
C GLN B 45 0.68 12.64 23.56
N ASN B 46 0.46 12.58 22.25
CA ASN B 46 0.13 11.31 21.61
C ASN B 46 1.37 10.47 21.38
N HIS B 47 1.99 10.04 22.47
CA HIS B 47 3.11 9.11 22.43
C HIS B 47 3.36 8.47 23.80
N PHE B 48 3.55 7.16 23.78
CA PHE B 48 3.53 6.35 24.99
C PHE B 48 4.67 5.38 24.94
N THR B 49 5.22 5.02 26.10
CA THR B 49 6.35 4.12 26.14
C THR B 49 5.93 2.68 25.92
N THR B 50 4.63 2.41 26.08
CA THR B 50 4.12 1.06 25.94
C THR B 50 2.81 1.03 25.16
N MET B 51 2.61 -0.07 24.44
CA MET B 51 1.38 -0.27 23.68
C MET B 51 0.15 -0.26 24.59
N SER B 52 0.26 -0.92 25.74
CA SER B 52 -0.86 -1.08 26.67
C SER B 52 -1.37 0.25 27.24
N GLU B 53 -0.43 1.08 27.69
CA GLU B 53 -0.76 2.42 28.18
C GLU B 53 -1.48 3.23 27.11
N CYS B 54 -0.92 3.21 25.89
CA CYS B 54 -1.53 3.94 24.77
C CYS B 54 -2.95 3.46 24.56
N ASN B 55 -3.12 2.14 24.53
CA ASN B 55 -4.44 1.55 24.37
C ASN B 55 -5.31 1.82 25.61
N ARG B 56 -4.71 1.97 26.78
CA ARG B 56 -5.53 2.31 27.95
C ARG B 56 -6.08 3.74 27.80
N VAL B 57 -5.17 4.71 27.79
CA VAL B 57 -5.55 6.13 27.71
C VAL B 57 -6.38 6.51 26.47
N CYS B 58 -6.02 5.98 25.30
CA CYS B 58 -6.62 6.45 24.03
C CYS B 58 -7.57 5.50 23.29
N HIS B 59 -7.42 4.18 23.49
CA HIS B 59 -8.16 3.20 22.68
C HIS B 59 -9.62 3.52 22.82
N GLY B 60 -9.96 3.97 24.04
CA GLY B 60 -11.27 4.46 24.38
C GLY B 60 -11.34 4.94 25.83
N ASN C 1 -20.89 -1.16 5.56
CA ASN C 1 -21.19 -2.48 6.10
C ASN C 1 -20.91 -2.57 7.60
N LEU C 2 -21.30 -3.68 8.22
CA LEU C 2 -21.24 -3.76 9.68
C LEU C 2 -19.82 -3.65 10.25
N ASN C 3 -18.80 -3.80 9.42
CA ASN C 3 -17.45 -3.55 9.92
C ASN C 3 -17.23 -2.07 10.22
N GLN C 4 -17.82 -1.21 9.38
CA GLN C 4 -17.69 0.23 9.60
C GLN C 4 -18.56 0.68 10.77
N PHE C 5 -19.72 0.05 10.96
CA PHE C 5 -20.58 0.32 12.11
C PHE C 5 -19.84 -0.08 13.38
N ARG C 6 -19.28 -1.29 13.37
CA ARG C 6 -18.51 -1.76 14.51
C ARG C 6 -17.40 -0.77 14.87
N LEU C 7 -16.78 -0.18 13.84
CA LEU C 7 -15.69 0.75 14.05
C LEU C 7 -16.20 2.08 14.62
N MET C 8 -17.32 2.56 14.09
CA MET C 8 -17.99 3.75 14.61
C MET C 8 -18.32 3.60 16.08
N ILE C 9 -18.66 2.38 16.47
CA ILE C 9 -19.00 2.09 17.86
C ILE C 9 -17.74 2.11 18.70
N LYS C 10 -16.69 1.44 18.23
CA LYS C 10 -15.41 1.52 18.93
C LYS C 10 -14.93 2.98 19.04
N CYS C 11 -15.29 3.80 18.05
CA CYS C 11 -14.87 5.19 18.02
C CYS C 11 -15.49 6.04 19.17
N THR C 12 -16.59 5.56 19.73
CA THR C 12 -17.39 6.36 20.67
C THR C 12 -17.76 5.59 21.93
N ASN C 13 -17.34 4.34 22.02
CA ASN C 13 -17.89 3.43 23.02
C ASN C 13 -16.95 2.29 23.36
N ASP C 14 -16.81 2.00 24.64
CA ASP C 14 -15.96 0.93 25.11
C ASP C 14 -16.71 -0.41 25.12
N ARG C 15 -18.03 -0.35 24.91
CA ARG C 15 -18.83 -1.55 24.95
C ARG C 15 -18.47 -2.47 23.77
N VAL C 16 -17.86 -3.60 24.09
CA VAL C 16 -17.46 -4.62 23.11
C VAL C 16 -18.59 -4.97 22.12
N TRP C 17 -18.21 -5.18 20.86
CA TRP C 17 -19.14 -5.45 19.76
C TRP C 17 -20.07 -6.63 20.02
N ALA C 18 -19.55 -7.65 20.69
CA ALA C 18 -20.32 -8.85 21.01
C ALA C 18 -21.64 -8.54 21.76
N ASP C 19 -21.59 -7.53 22.64
CA ASP C 19 -22.77 -7.15 23.43
C ASP C 19 -23.89 -6.55 22.60
N PHE C 20 -23.58 -6.04 21.41
CA PHE C 20 -24.63 -5.53 20.53
C PHE C 20 -25.12 -6.60 19.58
N VAL C 21 -24.28 -7.60 19.34
CA VAL C 21 -24.64 -8.68 18.42
C VAL C 21 -25.63 -9.61 19.12
N ASP C 22 -26.82 -9.73 18.55
CA ASP C 22 -27.91 -10.53 19.13
C ASP C 22 -28.40 -9.96 20.45
N TYR C 23 -28.54 -8.64 20.50
CA TYR C 23 -29.17 -7.97 21.64
C TYR C 23 -30.61 -7.64 21.23
N GLY C 24 -31.53 -7.91 22.15
CA GLY C 24 -32.94 -7.60 21.94
C GLY C 24 -33.55 -8.26 20.71
N CYS C 25 -34.35 -7.49 19.99
CA CYS C 25 -35.01 -7.97 18.79
C CYS C 25 -34.26 -7.60 17.51
N TYR C 26 -33.72 -6.40 17.47
CA TYR C 26 -33.16 -5.85 16.22
C TYR C 26 -31.63 -5.86 16.10
N CYS C 27 -30.93 -5.89 17.24
CA CYS C 27 -29.47 -5.74 17.21
C CYS C 27 -28.74 -7.05 16.87
N VAL C 28 -27.90 -7.03 15.83
CA VAL C 28 -27.68 -5.85 15.00
C VAL C 28 -28.21 -6.09 13.59
N ALA C 29 -29.04 -5.18 13.10
CA ALA C 29 -29.63 -5.26 11.77
C ALA C 29 -30.46 -6.53 11.53
N ARG C 30 -31.26 -6.92 12.51
CA ARG C 30 -32.19 -8.03 12.37
C ARG C 30 -33.61 -7.47 12.37
N ASP C 31 -34.57 -8.29 11.97
CA ASP C 31 -35.95 -7.83 11.88
C ASP C 31 -36.85 -8.36 13.00
N SER C 32 -37.87 -7.57 13.33
CA SER C 32 -38.89 -7.94 14.31
C SER C 32 -40.04 -6.95 14.19
N ASN C 33 -40.89 -6.92 15.22
CA ASN C 33 -42.05 -6.03 15.23
C ASN C 33 -42.03 -5.03 16.39
N THR C 34 -41.60 -5.51 17.55
CA THR C 34 -41.59 -4.67 18.75
C THR C 34 -40.25 -4.75 19.50
N PRO C 35 -39.58 -3.60 19.65
CA PRO C 35 -38.29 -3.46 20.35
C PRO C 35 -38.39 -3.65 21.86
N VAL C 36 -37.42 -4.36 22.42
CA VAL C 36 -37.46 -4.70 23.84
C VAL C 36 -37.16 -3.53 24.79
N ASP C 37 -36.28 -2.62 24.37
CA ASP C 37 -36.01 -1.39 25.10
C ASP C 37 -35.59 -0.26 24.16
N ASP C 38 -34.90 0.74 24.69
CA ASP C 38 -34.52 1.87 23.85
C ASP C 38 -33.27 1.61 23.03
N LEU C 39 -32.35 0.81 23.56
CA LEU C 39 -31.18 0.39 22.82
C LEU C 39 -31.64 -0.36 21.58
N ASP C 40 -32.48 -1.36 21.80
CA ASP C 40 -33.05 -2.14 20.70
C ASP C 40 -33.84 -1.24 19.74
N ARG C 41 -34.38 -0.14 20.25
CA ARG C 41 -35.10 0.82 19.41
C ARG C 41 -34.14 1.56 18.46
N CYS C 42 -32.87 1.68 18.87
CA CYS C 42 -31.88 2.33 18.02
C CYS C 42 -31.67 1.48 16.76
N CYS C 43 -31.38 0.20 16.99
CA CYS C 43 -31.20 -0.77 15.91
C CYS C 43 -32.44 -0.82 15.00
N GLN C 44 -33.62 -0.71 15.59
CA GLN C 44 -34.85 -0.71 14.81
C GLN C 44 -34.86 0.43 13.81
N ALA C 45 -34.52 1.62 14.29
CA ALA C 45 -34.45 2.78 13.40
C ALA C 45 -33.31 2.61 12.38
N GLN C 46 -32.26 1.90 12.78
CA GLN C 46 -31.15 1.58 11.89
C GLN C 46 -31.59 0.62 10.79
N LYS C 47 -32.27 -0.46 11.19
CA LYS C 47 -32.77 -1.46 10.26
C LYS C 47 -33.73 -0.80 9.28
N GLN C 48 -34.60 0.04 9.82
CA GLN C 48 -35.53 0.82 9.03
C GLN C 48 -34.77 1.75 8.10
N CYS C 49 -33.61 2.20 8.54
CA CYS C 49 -32.78 3.09 7.73
C CYS C 49 -32.11 2.33 6.57
N TYR C 50 -31.53 1.17 6.88
CA TYR C 50 -31.00 0.27 5.84
C TYR C 50 -32.06 -0.13 4.83
N ASP C 51 -33.22 -0.55 5.33
CA ASP C 51 -34.35 -0.92 4.48
C ASP C 51 -34.68 0.22 3.52
N GLU C 52 -34.62 1.45 4.02
CA GLU C 52 -34.85 2.61 3.17
C GLU C 52 -33.73 2.77 2.14
N ALA C 53 -32.49 2.53 2.58
CA ALA C 53 -31.33 2.65 1.70
C ALA C 53 -31.43 1.68 0.52
N VAL C 54 -31.81 0.44 0.81
CA VAL C 54 -31.99 -0.58 -0.22
C VAL C 54 -33.08 -0.19 -1.20
N LYS C 55 -34.27 0.10 -0.67
CA LYS C 55 -35.45 0.30 -1.51
C LYS C 55 -35.51 1.63 -2.27
N VAL C 56 -34.92 2.68 -1.71
CA VAL C 56 -35.02 3.99 -2.34
C VAL C 56 -33.77 4.36 -3.12
N HIS C 57 -32.60 3.98 -2.59
CA HIS C 57 -31.33 4.39 -3.19
C HIS C 57 -30.54 3.25 -3.84
N GLY C 58 -30.91 2.01 -3.56
CA GLY C 58 -30.29 0.86 -4.21
C GLY C 58 -28.97 0.47 -3.58
N CYS C 59 -28.78 0.86 -2.33
CA CYS C 59 -27.57 0.57 -1.59
C CYS C 59 -27.61 -0.87 -1.12
N LYS C 60 -26.44 -1.45 -0.89
CA LYS C 60 -26.34 -2.75 -0.24
C LYS C 60 -25.63 -2.59 1.10
N PRO C 61 -26.35 -2.02 2.07
CA PRO C 61 -25.79 -1.52 3.33
C PRO C 61 -25.01 -2.57 4.10
N LEU C 62 -25.33 -3.84 3.89
CA LEU C 62 -24.58 -4.90 4.57
C LEU C 62 -23.35 -5.35 3.78
N VAL C 63 -23.21 -4.91 2.54
CA VAL C 63 -22.02 -5.25 1.74
C VAL C 63 -21.10 -4.05 1.47
N MET C 64 -21.68 -2.95 1.03
CA MET C 64 -20.94 -1.76 0.59
C MET C 64 -19.95 -1.22 1.63
N PHE C 65 -18.85 -0.66 1.12
CA PHE C 65 -17.91 0.09 1.94
C PHE C 65 -18.35 1.56 2.03
N TYR C 66 -18.10 2.20 3.17
CA TYR C 66 -18.08 3.66 3.20
C TYR C 66 -16.94 4.11 4.08
N SER C 67 -16.61 5.40 4.02
CA SER C 67 -15.56 5.95 4.89
C SER C 67 -16.19 6.89 5.92
N PHE C 68 -15.50 7.10 7.03
CA PHE C 68 -15.93 8.09 8.01
C PHE C 68 -14.71 8.53 8.81
N GLU C 69 -14.83 9.69 9.47
CA GLU C 69 -13.76 10.17 10.32
C GLU C 69 -14.14 10.20 11.80
N CYS C 70 -13.29 9.56 12.61
CA CYS C 70 -13.46 9.55 14.05
C CYS C 70 -12.91 10.89 14.57
N ARG C 71 -13.68 11.61 15.36
CA ARG C 71 -13.20 12.86 15.98
C ARG C 71 -13.31 12.81 17.50
N TYR C 72 -12.71 13.81 18.15
CA TYR C 72 -12.75 13.92 19.62
C TYR C 72 -14.17 13.77 20.19
N LEU C 73 -15.11 14.53 19.64
CA LEU C 73 -16.51 14.45 20.03
C LEU C 73 -17.30 13.47 19.18
N ALA C 74 -17.96 12.52 19.84
CA ALA C 74 -18.88 11.59 19.18
C ALA C 74 -19.76 12.30 18.15
N SER C 75 -20.32 13.44 18.53
CA SER C 75 -21.20 14.18 17.61
C SER C 75 -20.46 14.74 16.39
N ASP C 76 -19.13 14.76 16.46
CA ASP C 76 -18.33 15.31 15.39
C ASP C 76 -17.95 14.22 14.38
N LEU C 77 -18.36 12.98 14.65
CA LEU C 77 -18.18 11.87 13.72
C LEU C 77 -18.65 12.29 12.33
N ASP C 78 -17.78 12.15 11.34
CA ASP C 78 -18.02 12.82 10.06
C ASP C 78 -18.19 11.90 8.86
N CYS C 79 -19.24 12.17 8.07
CA CYS C 79 -19.59 11.34 6.93
C CYS C 79 -19.40 12.04 5.58
N SER C 80 -18.99 13.31 5.62
CA SER C 80 -18.98 14.16 4.43
C SER C 80 -17.90 13.84 3.40
N GLY C 81 -16.93 13.02 3.78
CA GLY C 81 -15.89 12.62 2.85
C GLY C 81 -16.29 11.59 1.81
N ASN C 82 -17.53 11.09 1.91
CA ASN C 82 -17.99 10.07 0.96
C ASN C 82 -18.35 10.68 -0.39
N ASN C 83 -18.10 9.95 -1.47
CA ASN C 83 -18.25 10.48 -2.82
C ASN C 83 -19.47 10.02 -3.60
N THR C 84 -20.44 9.39 -2.94
CA THR C 84 -21.70 9.02 -3.60
C THR C 84 -22.87 9.12 -2.63
N LYS C 85 -24.08 9.28 -3.18
CA LYS C 85 -25.29 9.36 -2.37
C LYS C 85 -25.42 8.15 -1.46
N CYS C 86 -25.24 6.96 -2.04
CA CYS C 86 -25.32 5.72 -1.28
C CYS C 86 -24.35 5.61 -0.11
N ARG C 87 -23.10 6.02 -0.33
CA ARG C 87 -22.08 5.95 0.71
C ARG C 87 -22.36 6.98 1.80
N ASN C 88 -22.77 8.18 1.39
CA ASN C 88 -23.18 9.19 2.37
C ASN C 88 -24.38 8.72 3.18
N PHE C 89 -25.44 8.28 2.49
CA PHE C 89 -26.68 7.87 3.15
C PHE C 89 -26.43 6.79 4.20
N VAL C 90 -25.77 5.71 3.80
CA VAL C 90 -25.52 4.60 4.70
C VAL C 90 -24.59 4.98 5.85
N CYS C 91 -23.51 5.70 5.54
CA CYS C 91 -22.65 6.24 6.60
C CYS C 91 -23.50 6.98 7.64
N ASN C 92 -24.39 7.83 7.18
CA ASN C 92 -25.29 8.56 8.08
C ASN C 92 -26.20 7.67 8.93
N CYS C 93 -26.72 6.59 8.34
CA CYS C 93 -27.50 5.60 9.08
C CYS C 93 -26.73 5.07 10.26
N ASP C 94 -25.47 4.72 10.03
CA ASP C 94 -24.66 4.12 11.09
C ASP C 94 -24.26 5.15 12.15
N ARG C 95 -24.11 6.39 11.70
CA ARG C 95 -23.72 7.48 12.59
C ARG C 95 -24.86 7.78 13.57
N THR C 96 -26.05 7.98 13.02
CA THR C 96 -27.25 8.15 13.84
C THR C 96 -27.39 7.03 14.86
N ALA C 97 -27.25 5.79 14.41
CA ALA C 97 -27.40 4.65 15.31
C ALA C 97 -26.32 4.61 16.40
N THR C 98 -25.07 4.96 16.08
CA THR C 98 -24.03 4.88 17.09
C THR C 98 -24.25 5.95 18.19
N LEU C 99 -24.75 7.11 17.78
CA LEU C 99 -25.00 8.21 18.70
C LEU C 99 -26.18 7.85 19.61
N CYS C 100 -27.26 7.35 18.99
CA CYS C 100 -28.41 6.85 19.75
C CYS C 100 -28.00 5.79 20.77
N ILE C 101 -27.07 4.91 20.42
CA ILE C 101 -26.57 3.91 21.37
C ILE C 101 -26.05 4.57 22.65
N LEU C 102 -25.45 5.75 22.50
CA LEU C 102 -24.90 6.50 23.64
C LEU C 102 -25.98 6.95 24.61
N THR C 103 -27.13 7.35 24.08
CA THR C 103 -28.24 7.78 24.93
C THR C 103 -28.86 6.62 25.71
N ALA C 104 -28.91 5.44 25.09
CA ALA C 104 -29.59 4.27 25.67
C ALA C 104 -28.80 3.55 26.75
N THR C 105 -29.52 2.84 27.63
CA THR C 105 -28.91 2.13 28.75
C THR C 105 -28.64 0.67 28.42
N TYR C 106 -27.45 0.18 28.77
CA TYR C 106 -27.13 -1.21 28.44
C TYR C 106 -27.52 -2.22 29.51
N ASN C 107 -28.73 -2.71 29.35
CA ASN C 107 -29.23 -3.95 29.93
C ASN C 107 -28.31 -5.14 29.58
N ARG C 108 -28.41 -6.22 30.35
CA ARG C 108 -27.65 -7.44 30.07
C ARG C 108 -28.61 -8.62 29.89
N ASN C 109 -29.87 -8.42 30.27
CA ASN C 109 -30.88 -9.48 30.25
C ASN C 109 -31.71 -9.58 28.96
N ASN C 110 -31.65 -8.57 28.10
CA ASN C 110 -32.21 -8.73 26.74
C ASN C 110 -31.14 -8.90 25.67
N HIS C 111 -29.95 -9.32 26.10
CA HIS C 111 -28.91 -9.71 25.17
C HIS C 111 -28.91 -11.22 25.01
N LYS C 112 -29.15 -11.68 23.78
CA LYS C 112 -29.31 -13.12 23.49
C LYS C 112 -30.50 -13.70 24.26
N ILE C 113 -31.70 -13.25 23.92
CA ILE C 113 -32.91 -13.78 24.54
C ILE C 113 -33.44 -14.97 23.75
N ASP C 114 -34.52 -15.57 24.24
CA ASP C 114 -35.21 -16.63 23.52
C ASP C 114 -36.15 -15.99 22.49
N PRO C 115 -36.22 -16.60 21.29
CA PRO C 115 -37.05 -16.12 20.18
C PRO C 115 -38.51 -15.90 20.58
N SER C 116 -38.89 -16.51 21.71
CA SER C 116 -40.21 -16.32 22.32
C SER C 116 -40.61 -14.84 22.45
N ARG C 117 -39.66 -13.98 22.78
CA ARG C 117 -39.96 -12.58 23.08
C ARG C 117 -40.16 -11.72 21.84
N CYS C 118 -39.54 -12.13 20.75
CA CYS C 118 -39.47 -11.30 19.55
C CYS C 118 -40.22 -11.93 18.38
C1 NAG D . 22.01 -2.78 3.06
C2 NAG D . 22.06 -3.74 1.88
C3 NAG D . 23.39 -4.50 1.86
C4 NAG D . 24.56 -3.53 1.96
C5 NAG D . 24.38 -2.57 3.13
C6 NAG D . 25.44 -1.49 3.16
C7 NAG D . 20.18 -4.95 0.86
C8 NAG D . 19.06 -5.93 1.09
N2 NAG D . 20.94 -4.67 1.93
O3 NAG D . 23.48 -5.26 0.67
O4 NAG D . 25.77 -4.25 2.13
O5 NAG D . 23.12 -1.90 3.02
O6 NAG D . 25.06 -0.45 4.06
O7 NAG D . 20.41 -4.46 -0.25
C1 NAG E . -2.24 -17.78 -39.67
C2 NAG E . -2.29 -19.30 -39.70
C3 NAG E . -3.68 -19.77 -40.09
C4 NAG E . -4.75 -19.12 -39.21
C5 NAG E . -4.66 -17.61 -39.33
C6 NAG E . -4.52 -16.91 -38.01
C7 NAG E . -0.03 -20.09 -40.25
C8 NAG E . 0.84 -20.67 -41.33
N2 NAG E . -1.30 -19.84 -40.60
O3 NAG E . -3.74 -21.18 -39.89
O4 NAG E . -6.04 -19.57 -39.62
O5 NAG E . -3.51 -17.24 -40.12
O6 NAG E . -5.39 -17.44 -37.03
O7 NAG E . 0.39 -19.84 -39.13
CL CL F . -1.55 2.31 0.51
NA NA G . 27.74 21.12 16.67
NA NA H . -10.60 2.32 -14.57
O1 P6G I . -7.31 10.30 -7.86
C2 P6G I . -6.59 11.03 -8.79
C3 P6G I . -5.50 10.21 -9.41
O4 P6G I . -6.03 9.20 -10.21
C5 P6G I . -5.23 8.23 -10.82
C6 P6G I . -6.06 7.20 -11.52
O7 P6G I . -6.89 6.47 -10.67
C8 P6G I . -7.33 5.20 -11.05
C9 P6G I . -8.28 4.60 -10.05
O10 P6G I . -7.73 3.46 -9.48
C11 P6G I . -8.12 2.20 -9.89
C12 P6G I . -6.97 1.26 -9.81
O13 P6G I . -6.89 0.50 -10.98
C14 P6G I . -5.67 0.27 -11.58
C15 P6G I . -5.73 -0.89 -12.55
O16 P6G I . -6.36 -0.53 -13.74
C17 P6G I . -6.61 -1.54 -14.66
C18 P6G I . -7.12 -0.99 -15.95
O19 P6G I . -6.18 -1.11 -16.96
NA NA J . -12.73 5.63 10.10
#